data_7RUW
#
_entry.id   7RUW
#
_cell.length_a   30.330
_cell.length_b   72.133
_cell.length_c   55.493
_cell.angle_alpha   90.00
_cell.angle_beta   107.14
_cell.angle_gamma   90.00
#
_symmetry.space_group_name_H-M   'C 1 2 1'
#
loop_
_entity.id
_entity.type
_entity.pdbx_description
1 polymer 'B-cell lymphoma 6 protein'
2 non-polymer 2-(2-amino-4-oxo-3,4-dihydro-7H-pyrrolo[2,3-d]pyrimidin-7-yl)-N-(3-chloropyridin-4-yl)acetamide
3 non-polymer 'FORMIC ACID'
4 non-polymer 'CHLORIDE ION'
5 water water
#
_entity_poly.entity_id   1
_entity_poly.type   'polypeptide(L)'
_entity_poly.pdbx_seq_one_letter_code
;GSADSQIQFTRHASDVLLNLNRLRSRDILTDVVIVVSREQFRAHKTVLMACSGLFYSIFTDQLKRNLSVINLDPEINPEG
FNILLDFMYTSRLNLREGNIMAVMATAMYLQMEHVVDTCRKFIKASE
;
_entity_poly.pdbx_strand_id   A
#
# COMPACT_ATOMS: atom_id res chain seq x y z
N SER A 5 -18.76 4.46 -25.41
CA SER A 5 -18.37 4.20 -26.80
C SER A 5 -16.88 4.49 -27.07
N GLN A 6 -16.08 4.70 -26.04
CA GLN A 6 -14.69 5.08 -26.25
C GLN A 6 -13.83 3.81 -26.45
N ILE A 7 -12.68 3.98 -27.05
CA ILE A 7 -11.74 2.90 -27.29
C ILE A 7 -11.04 2.55 -25.99
N GLN A 8 -11.06 1.30 -25.63
CA GLN A 8 -10.50 0.84 -24.37
CA GLN A 8 -10.50 0.83 -24.36
C GLN A 8 -9.10 0.27 -24.60
N PHE A 9 -8.13 0.77 -23.83
CA PHE A 9 -6.76 0.29 -23.85
C PHE A 9 -6.56 -0.64 -22.66
N THR A 10 -6.55 -1.95 -22.92
CA THR A 10 -6.71 -2.91 -21.84
C THR A 10 -5.46 -3.04 -20.96
N ARG A 11 -4.30 -2.56 -21.40
CA ARG A 11 -3.10 -2.63 -20.57
C ARG A 11 -2.64 -1.28 -20.05
N HIS A 12 -3.41 -0.22 -20.33
CA HIS A 12 -3.03 1.16 -19.96
C HIS A 12 -2.89 1.29 -18.44
N ALA A 13 -3.83 0.78 -17.65
CA ALA A 13 -3.76 0.98 -16.21
C ALA A 13 -2.56 0.24 -15.60
N SER A 14 -2.29 -0.99 -16.08
CA SER A 14 -1.13 -1.71 -15.56
CA SER A 14 -1.13 -1.75 -15.62
C SER A 14 0.16 -1.04 -15.99
N ASP A 15 0.20 -0.47 -17.22
CA ASP A 15 1.37 0.27 -17.65
C ASP A 15 1.60 1.49 -16.76
N VAL A 16 0.51 2.22 -16.44
CA VAL A 16 0.64 3.38 -15.55
C VAL A 16 1.21 2.95 -14.21
N LEU A 17 0.62 1.89 -13.64
CA LEU A 17 1.07 1.48 -12.31
C LEU A 17 2.53 1.03 -12.31
N LEU A 18 2.93 0.32 -13.35
CA LEU A 18 4.33 -0.07 -13.49
C LEU A 18 5.22 1.17 -13.55
N ASN A 19 4.82 2.17 -14.31
CA ASN A 19 5.64 3.37 -14.37
C ASN A 19 5.67 4.12 -13.04
N LEU A 20 4.55 4.13 -12.30
CA LEU A 20 4.58 4.76 -11.00
C LEU A 20 5.54 4.03 -10.07
N ASN A 21 5.59 2.70 -10.16
CA ASN A 21 6.54 1.95 -9.36
C ASN A 21 7.97 2.31 -9.75
N ARG A 22 8.23 2.52 -11.05
CA ARG A 22 9.55 2.97 -11.46
C ARG A 22 9.89 4.32 -10.85
N LEU A 23 8.94 5.23 -10.82
CA LEU A 23 9.20 6.52 -10.21
C LEU A 23 9.52 6.35 -8.72
N ARG A 24 8.75 5.49 -8.04
CA ARG A 24 9.04 5.30 -6.62
C ARG A 24 10.45 4.76 -6.43
N SER A 25 10.83 3.81 -7.29
CA SER A 25 12.14 3.20 -7.20
C SER A 25 13.26 4.21 -7.38
N ARG A 26 13.00 5.30 -8.08
CA ARG A 26 13.94 6.36 -8.28
C ARG A 26 13.73 7.54 -7.37
N ASP A 27 12.78 7.44 -6.42
CA ASP A 27 12.45 8.57 -5.53
C ASP A 27 12.04 9.82 -6.30
N ILE A 28 11.36 9.65 -7.44
CA ILE A 28 10.91 10.78 -8.23
C ILE A 28 9.50 11.13 -7.81
N LEU A 29 9.35 12.33 -7.22
CA LEU A 29 8.11 12.91 -6.81
C LEU A 29 7.45 12.16 -5.64
N THR A 30 8.19 11.30 -4.98
CA THR A 30 7.73 10.78 -3.71
C THR A 30 7.56 11.95 -2.73
N ASP A 31 6.51 11.89 -1.92
CA ASP A 31 6.16 13.01 -1.08
C ASP A 31 5.86 12.62 0.37
N VAL A 32 6.11 11.36 0.74
CA VAL A 32 5.96 10.97 2.14
C VAL A 32 6.94 9.88 2.44
N VAL A 33 7.32 9.83 3.71
CA VAL A 33 8.02 8.67 4.23
CA VAL A 33 8.06 8.73 4.29
C VAL A 33 7.17 8.06 5.32
N ILE A 34 6.97 6.75 5.20
CA ILE A 34 6.20 5.97 6.16
C ILE A 34 7.21 5.28 7.08
N VAL A 35 7.14 5.56 8.38
CA VAL A 35 8.06 5.00 9.34
C VAL A 35 7.35 3.86 10.04
N VAL A 36 7.95 2.68 10.01
CA VAL A 36 7.38 1.46 10.59
C VAL A 36 8.46 0.87 11.47
N SER A 37 8.38 1.12 12.77
CA SER A 37 9.40 0.69 13.72
C SER A 37 10.74 1.22 13.26
N ARG A 38 11.72 0.37 13.01
CA ARG A 38 13.07 0.93 12.71
C ARG A 38 13.23 1.19 11.20
N GLU A 39 12.21 0.94 10.38
CA GLU A 39 12.35 1.05 8.93
C GLU A 39 11.57 2.23 8.39
N GLN A 40 11.99 2.70 7.22
CA GLN A 40 11.36 3.84 6.56
C GLN A 40 11.11 3.44 5.11
N PHE A 41 9.97 3.89 4.58
CA PHE A 41 9.58 3.58 3.20
C PHE A 41 9.04 4.85 2.55
N ARG A 42 9.59 5.27 1.43
CA ARG A 42 9.08 6.42 0.71
C ARG A 42 7.98 5.99 -0.27
N ALA A 43 7.02 6.89 -0.53
CA ALA A 43 5.93 6.56 -1.44
C ALA A 43 5.30 7.81 -1.97
N HIS A 44 4.36 7.64 -2.88
CA HIS A 44 3.54 8.71 -3.37
C HIS A 44 2.21 8.68 -2.60
N LYS A 45 1.85 9.77 -1.95
CA LYS A 45 0.60 9.81 -1.22
C LYS A 45 -0.60 9.47 -2.08
N THR A 46 -0.57 9.84 -3.36
CA THR A 46 -1.71 9.53 -4.20
C THR A 46 -1.92 8.03 -4.34
N VAL A 47 -0.84 7.27 -4.47
CA VAL A 47 -0.96 5.81 -4.61
C VAL A 47 -1.44 5.22 -3.29
N LEU A 48 -0.86 5.68 -2.17
CA LEU A 48 -1.32 5.22 -0.86
C LEU A 48 -2.81 5.44 -0.70
N MET A 49 -3.29 6.63 -1.04
CA MET A 49 -4.70 6.96 -0.88
C MET A 49 -5.54 6.07 -1.77
N ALA A 50 -5.07 5.74 -2.96
CA ALA A 50 -5.79 4.90 -3.92
C ALA A 50 -5.94 3.49 -3.43
N CYS A 51 -5.06 3.07 -2.53
CA CYS A 51 -4.95 1.64 -2.16
C CYS A 51 -5.31 1.30 -0.72
N SER A 52 -5.55 2.31 0.15
CA SER A 52 -5.70 2.04 1.57
C SER A 52 -6.71 3.01 2.16
N GLY A 53 -7.62 2.47 2.96
CA GLY A 53 -8.55 3.36 3.61
C GLY A 53 -7.92 4.15 4.72
N LEU A 54 -6.84 3.61 5.34
CA LEU A 54 -6.15 4.39 6.38
C LEU A 54 -5.51 5.61 5.72
N PHE A 55 -4.72 5.38 4.66
CA PHE A 55 -4.04 6.53 4.07
C PHE A 55 -5.03 7.49 3.42
N TYR A 56 -6.12 6.97 2.83
CA TYR A 56 -7.13 7.84 2.24
C TYR A 56 -7.64 8.78 3.30
N SER A 57 -8.05 8.19 4.44
CA SER A 57 -8.64 9.02 5.53
CA SER A 57 -8.62 9.04 5.50
C SER A 57 -7.63 10.03 6.15
N ILE A 58 -6.35 9.65 6.19
CA ILE A 58 -5.34 10.58 6.67
C ILE A 58 -5.21 11.75 5.73
N PHE A 59 -4.85 11.47 4.47
CA PHE A 59 -4.45 12.55 3.58
C PHE A 59 -5.62 13.34 3.01
N THR A 60 -6.83 12.80 3.00
CA THR A 60 -8.00 13.60 2.62
C THR A 60 -8.27 14.72 3.58
N ASP A 61 -7.93 14.54 4.84
CA ASP A 61 -8.07 15.58 5.86
C ASP A 61 -7.09 16.72 5.65
N GLN A 62 -7.61 17.93 5.45
N GLN A 62 -7.61 17.93 5.53
CA GLN A 62 -6.70 19.03 5.17
CA GLN A 62 -6.78 19.08 5.22
C GLN A 62 -5.70 19.21 6.30
C GLN A 62 -5.81 19.38 6.35
N LEU A 63 -6.08 18.81 7.53
CA LEU A 63 -5.17 18.95 8.64
C LEU A 63 -3.89 18.16 8.41
N LYS A 64 -3.97 17.00 7.74
CA LYS A 64 -2.82 16.07 7.59
C LYS A 64 -2.39 15.90 6.13
N ARG A 65 -3.03 16.60 5.21
CA ARG A 65 -2.73 16.39 3.77
C ARG A 65 -1.27 16.66 3.44
N ASN A 66 -0.61 17.62 4.09
CA ASN A 66 0.78 18.03 3.74
C ASN A 66 1.81 17.36 4.65
N LEU A 67 1.44 16.35 5.45
CA LEU A 67 2.41 15.67 6.25
C LEU A 67 3.42 14.99 5.34
N SER A 68 4.70 15.11 5.68
CA SER A 68 5.76 14.44 4.91
C SER A 68 6.26 13.17 5.58
N VAL A 69 5.85 12.90 6.81
CA VAL A 69 6.27 11.74 7.56
C VAL A 69 5.05 11.21 8.29
N ILE A 70 4.78 9.92 8.18
CA ILE A 70 3.71 9.26 8.92
C ILE A 70 4.38 8.15 9.73
N ASN A 71 4.21 8.18 11.05
CA ASN A 71 4.65 7.11 11.92
C ASN A 71 3.52 6.14 12.11
N LEU A 72 3.66 4.93 11.57
CA LEU A 72 2.63 3.93 11.79
C LEU A 72 2.69 3.41 13.21
N ASP A 73 1.59 2.73 13.59
CA ASP A 73 1.53 2.12 14.90
CA ASP A 73 1.52 2.11 14.91
C ASP A 73 2.75 1.24 15.16
N PRO A 74 3.37 1.33 16.37
CA PRO A 74 4.62 0.60 16.68
C PRO A 74 4.51 -0.89 16.60
N GLU A 75 3.33 -1.44 16.62
CA GLU A 75 3.19 -2.88 16.62
C GLU A 75 3.10 -3.44 15.23
N ILE A 76 3.00 -2.59 14.20
CA ILE A 76 2.95 -3.06 12.82
C ILE A 76 4.28 -3.67 12.44
N ASN A 77 4.21 -4.84 11.83
CA ASN A 77 5.37 -5.55 11.34
C ASN A 77 5.88 -4.87 10.08
N PRO A 78 7.15 -4.45 10.03
CA PRO A 78 7.64 -3.80 8.81
C PRO A 78 7.59 -4.71 7.59
N GLU A 79 7.87 -6.00 7.73
CA GLU A 79 7.77 -6.93 6.59
C GLU A 79 6.36 -6.97 6.04
N GLY A 80 5.36 -7.02 6.91
CA GLY A 80 3.99 -7.00 6.44
C GLY A 80 3.69 -5.72 5.69
N PHE A 81 4.18 -4.60 6.19
CA PHE A 81 3.96 -3.33 5.52
C PHE A 81 4.65 -3.35 4.14
N ASN A 82 5.87 -3.83 4.10
CA ASN A 82 6.63 -3.86 2.84
C ASN A 82 5.92 -4.71 1.79
N ILE A 83 5.36 -5.85 2.18
CA ILE A 83 4.64 -6.71 1.26
C ILE A 83 3.44 -5.97 0.70
N LEU A 84 2.75 -5.22 1.56
CA LEU A 84 1.55 -4.51 1.12
C LEU A 84 1.89 -3.32 0.25
N LEU A 85 2.95 -2.58 0.59
CA LEU A 85 3.38 -1.48 -0.27
C LEU A 85 3.75 -1.99 -1.65
N ASP A 86 4.50 -3.09 -1.71
N ASP A 86 4.49 -3.08 -1.70
CA ASP A 86 4.79 -3.68 -3.00
CA ASP A 86 4.81 -3.69 -2.99
C ASP A 86 3.50 -3.99 -3.74
C ASP A 86 3.55 -4.08 -3.75
N PHE A 87 2.57 -4.65 -3.05
CA PHE A 87 1.29 -4.99 -3.69
C PHE A 87 0.65 -3.71 -4.27
N MET A 88 0.65 -2.62 -3.51
CA MET A 88 0.00 -1.42 -4.00
C MET A 88 0.52 -1.03 -5.37
N TYR A 89 1.82 -1.13 -5.53
CA TYR A 89 2.49 -0.66 -6.74
C TYR A 89 2.66 -1.72 -7.78
N THR A 90 2.27 -2.98 -7.58
CA THR A 90 2.48 -4.05 -8.56
C THR A 90 1.26 -4.88 -8.88
N SER A 91 0.24 -4.89 -8.02
CA SER A 91 -0.93 -5.76 -8.14
C SER A 91 -0.63 -7.19 -7.76
N ARG A 92 0.55 -7.47 -7.23
CA ARG A 92 0.98 -8.81 -6.89
C ARG A 92 1.25 -8.84 -5.39
N LEU A 93 0.69 -9.84 -4.73
CA LEU A 93 0.70 -9.96 -3.28
C LEU A 93 1.49 -11.20 -2.90
N ASN A 94 2.62 -10.98 -2.22
CA ASN A 94 3.55 -12.07 -1.81
C ASN A 94 3.01 -12.68 -0.52
N LEU A 95 1.97 -13.51 -0.60
CA LEU A 95 1.47 -14.21 0.57
C LEU A 95 2.14 -15.58 0.67
N ARG A 96 2.61 -15.94 1.86
CA ARG A 96 3.28 -17.19 2.14
C ARG A 96 2.87 -17.67 3.55
N GLU A 97 2.97 -18.98 3.76
CA GLU A 97 2.64 -19.51 5.07
C GLU A 97 3.40 -18.80 6.17
N GLY A 98 4.64 -18.40 5.91
CA GLY A 98 5.41 -17.72 6.93
C GLY A 98 5.08 -16.27 7.16
N ASN A 99 4.27 -15.64 6.31
CA ASN A 99 3.98 -14.23 6.50
C ASN A 99 2.49 -13.90 6.53
N ILE A 100 1.60 -14.91 6.43
CA ILE A 100 0.19 -14.61 6.20
C ILE A 100 -0.41 -13.81 7.35
N MET A 101 -0.12 -14.21 8.59
CA MET A 101 -0.68 -13.49 9.73
C MET A 101 -0.24 -12.05 9.79
N ALA A 102 1.04 -11.80 9.62
CA ALA A 102 1.54 -10.44 9.61
C ALA A 102 0.90 -9.63 8.49
N VAL A 103 0.78 -10.21 7.31
CA VAL A 103 0.19 -9.47 6.19
C VAL A 103 -1.28 -9.16 6.47
N MET A 104 -1.98 -10.21 6.90
CA MET A 104 -3.42 -10.03 7.21
CA MET A 104 -3.45 -9.98 7.20
C MET A 104 -3.70 -8.92 8.27
N ALA A 105 -2.93 -8.94 9.37
CA ALA A 105 -3.13 -7.95 10.42
C ALA A 105 -2.77 -6.57 9.90
N THR A 106 -1.69 -6.46 9.12
CA THR A 106 -1.31 -5.16 8.59
C THR A 106 -2.36 -4.65 7.62
N ALA A 107 -2.94 -5.54 6.79
CA ALA A 107 -3.97 -5.12 5.86
C ALA A 107 -5.21 -4.66 6.57
N MET A 108 -5.54 -5.27 7.71
CA MET A 108 -6.64 -4.77 8.51
C MET A 108 -6.38 -3.36 8.98
N TYR A 109 -5.20 -3.10 9.54
CA TYR A 109 -4.86 -1.77 10.01
C TYR A 109 -4.85 -0.75 8.87
N LEU A 110 -4.36 -1.15 7.68
CA LEU A 110 -4.34 -0.24 6.52
C LEU A 110 -5.70 -0.10 5.88
N GLN A 111 -6.70 -0.87 6.29
CA GLN A 111 -8.04 -0.79 5.72
C GLN A 111 -7.99 -1.16 4.24
N MET A 112 -7.47 -2.35 3.97
CA MET A 112 -7.36 -2.93 2.61
C MET A 112 -8.23 -4.18 2.59
N GLU A 113 -9.54 -3.96 2.37
CA GLU A 113 -10.49 -5.01 2.69
C GLU A 113 -10.40 -6.18 1.73
N HIS A 114 -10.19 -5.91 0.45
CA HIS A 114 -10.08 -6.99 -0.50
C HIS A 114 -8.86 -7.83 -0.23
N VAL A 115 -7.78 -7.20 0.19
CA VAL A 115 -6.61 -7.97 0.59
C VAL A 115 -6.91 -8.79 1.85
N VAL A 116 -7.61 -8.21 2.85
CA VAL A 116 -7.99 -9.01 4.01
C VAL A 116 -8.82 -10.21 3.60
N ASP A 117 -9.80 -9.99 2.71
CA ASP A 117 -10.62 -11.13 2.27
C ASP A 117 -9.75 -12.22 1.62
N THR A 118 -8.77 -11.80 0.80
CA THR A 118 -7.86 -12.75 0.14
C THR A 118 -7.00 -13.50 1.15
N CYS A 119 -6.56 -12.82 2.22
CA CYS A 119 -5.81 -13.48 3.32
C CYS A 119 -6.74 -14.52 3.98
N ARG A 120 -8.03 -14.23 4.09
CA ARG A 120 -9.01 -15.16 4.73
C ARG A 120 -9.16 -16.38 3.82
N LYS A 121 -9.08 -16.19 2.50
CA LYS A 121 -9.12 -17.33 1.57
C LYS A 121 -7.84 -18.16 1.63
N PHE A 122 -6.70 -17.50 1.75
CA PHE A 122 -5.42 -18.20 1.88
C PHE A 122 -5.42 -19.09 3.12
N ILE A 123 -5.97 -18.59 4.22
CA ILE A 123 -6.10 -19.40 5.42
C ILE A 123 -7.02 -20.57 5.13
N LYS A 124 -8.15 -20.31 4.48
CA LYS A 124 -9.07 -21.43 4.20
C LYS A 124 -8.38 -22.50 3.37
N ALA A 125 -7.42 -22.13 2.51
CA ALA A 125 -6.68 -23.11 1.71
C ALA A 125 -5.44 -23.64 2.40
N SER A 126 -5.15 -23.21 3.63
CA SER A 126 -3.95 -23.59 4.35
C SER A 126 -2.73 -22.78 3.89
#